data_5X3S
#
_entry.id   5X3S
#
_cell.length_a   57.564
_cell.length_b   59.402
_cell.length_c   72.748
_cell.angle_alpha   90.000
_cell.angle_beta   99.470
_cell.angle_gamma   90.000
#
_symmetry.space_group_name_H-M   'P 1 21 1'
#
loop_
_entity.id
_entity.type
_entity.pdbx_description
1 polymer 'Serine/threonine-protein kinase PLK1'
2 polymer 'Peptide from Enhancer of filamentation 1'
3 water water
#
loop_
_entity_poly.entity_id
_entity_poly.type
_entity_poly.pdbx_seq_one_letter_code
_entity_poly.pdbx_strand_id
1 'polypeptide(L)'
;ECHLSDLLQQLTSVNASKPSERGLVRQEEAEDPACIPIFWVSKWVDYSDKYGLGYQLCDNSVGVLFNDSTRLILYNDGDS
LQYIERDGTESYLTVSSHPNSLMKKITLLNYFRNYMSEHLLKAGANITPREGDELARLPYLRTWFRTRSAIILHLSNGTV
QINFFQDHTKLILCPLMAAVTYINEKRDFQTYRLSLLEEYGCCKELASRLRYARTMVDKLLSSR
;
B,A
2 'polypeptide(L)' LHYPS(TPO)TALQE C,D
#
# COMPACT_ATOMS: atom_id res chain seq x y z
N GLU A 1 6.03 8.64 32.06
CA GLU A 1 6.00 8.36 33.50
C GLU A 1 6.79 7.08 33.81
N CYS A 2 6.18 6.17 34.59
CA CYS A 2 6.81 4.89 34.87
C CYS A 2 7.05 4.07 33.60
N HIS A 3 6.24 4.29 32.57
CA HIS A 3 6.43 3.54 31.33
C HIS A 3 7.70 3.96 30.61
N LEU A 4 8.01 5.26 30.61
CA LEU A 4 9.24 5.73 29.99
C LEU A 4 10.47 5.20 30.73
N SER A 5 10.42 5.20 32.07
CA SER A 5 11.52 4.63 32.86
C SER A 5 11.60 3.12 32.65
N ASP A 6 10.44 2.46 32.59
CA ASP A 6 10.42 1.04 32.30
C ASP A 6 11.12 0.75 30.97
N LEU A 7 10.76 1.49 29.92
CA LEU A 7 11.38 1.29 28.62
C LEU A 7 12.88 1.56 28.67
N LEU A 8 13.27 2.62 29.36
CA LEU A 8 14.67 3.01 29.38
C LEU A 8 15.54 1.89 29.97
N GLN A 9 15.12 1.33 31.10
CA GLN A 9 15.93 0.28 31.74
C GLN A 9 15.93 -1.00 30.95
N GLN A 10 14.88 -1.26 30.17
CA GLN A 10 14.88 -2.42 29.28
C GLN A 10 15.91 -2.24 28.17
N LEU A 11 16.09 -0.99 27.72
CA LEU A 11 17.06 -0.72 26.66
C LEU A 11 18.48 -0.77 27.20
N THR A 12 18.70 -0.24 28.41
CA THR A 12 20.04 -0.33 29.01
C THR A 12 20.45 -1.77 29.22
N SER A 13 19.48 -2.66 29.48
CA SER A 13 19.81 -4.06 29.76
C SER A 13 20.21 -4.78 28.49
N VAL A 14 19.51 -4.53 27.38
CA VAL A 14 19.88 -5.17 26.12
C VAL A 14 21.16 -4.57 25.55
N ASN A 15 21.38 -3.27 25.70
CA ASN A 15 22.60 -2.65 25.18
C ASN A 15 23.83 -2.99 26.01
N ALA A 16 23.66 -3.34 27.29
CA ALA A 16 24.80 -3.69 28.14
C ALA A 16 25.27 -5.12 27.92
N SER A 17 24.39 -5.99 27.43
CA SER A 17 24.81 -7.34 27.09
C SER A 17 25.71 -7.37 25.86
N LYS A 18 25.88 -6.24 25.19
CA LYS A 18 26.67 -6.12 23.97
C LYS A 18 26.22 -7.19 22.99
N PRO A 19 25.02 -7.04 22.42
CA PRO A 19 24.41 -8.18 21.71
C PRO A 19 25.07 -8.52 20.40
N SER A 20 25.72 -7.57 19.72
CA SER A 20 26.32 -7.86 18.42
C SER A 20 27.62 -8.66 18.54
N GLU A 21 28.27 -8.64 19.69
CA GLU A 21 29.50 -9.40 19.90
C GLU A 21 29.15 -10.69 20.64
N ARG A 22 28.71 -11.68 19.85
CA ARG A 22 28.39 -13.01 20.34
C ARG A 22 29.11 -14.04 19.47
N GLY A 23 29.60 -15.10 20.10
CA GLY A 23 30.20 -16.19 19.35
C GLY A 23 29.22 -16.78 18.35
N LEU A 24 27.99 -17.01 18.77
CA LEU A 24 26.90 -17.35 17.86
C LEU A 24 25.69 -16.55 18.28
N VAL A 25 25.30 -15.59 17.48
CA VAL A 25 24.11 -14.80 17.76
C VAL A 25 22.91 -15.51 17.13
N ARG A 26 21.83 -15.63 17.90
CA ARG A 26 20.65 -16.32 17.40
C ARG A 26 19.41 -15.43 17.58
N GLN A 27 19.36 -14.32 16.84
CA GLN A 27 18.14 -13.53 16.83
C GLN A 27 16.98 -14.28 16.18
N GLU A 28 17.29 -15.32 15.41
CA GLU A 28 16.28 -16.24 14.90
C GLU A 28 15.53 -16.96 16.01
N GLU A 29 15.97 -16.82 17.27
CA GLU A 29 15.37 -17.53 18.40
C GLU A 29 14.78 -16.58 19.43
N ALA A 30 14.57 -15.32 19.06
CA ALA A 30 13.91 -14.37 19.93
C ALA A 30 12.57 -13.90 19.38
N GLU A 31 12.11 -14.44 18.26
CA GLU A 31 10.85 -14.01 17.66
C GLU A 31 9.68 -14.23 18.60
N ASP A 32 8.68 -13.36 18.48
CA ASP A 32 7.43 -13.48 19.22
C ASP A 32 6.33 -12.79 18.43
N PRO A 33 5.75 -13.46 17.44
CA PRO A 33 4.58 -12.90 16.75
C PRO A 33 3.39 -12.71 17.67
N ALA A 34 3.40 -13.29 18.86
CA ALA A 34 2.39 -13.05 19.88
C ALA A 34 2.59 -11.72 20.60
N CYS A 35 3.54 -10.89 20.14
CA CYS A 35 3.83 -9.60 20.76
C CYS A 35 3.72 -8.44 19.77
N ILE A 36 3.25 -8.68 18.55
CA ILE A 36 3.02 -7.62 17.58
C ILE A 36 2.11 -6.56 18.21
N PRO A 37 2.42 -5.27 18.11
CA PRO A 37 1.65 -4.26 18.82
C PRO A 37 0.23 -4.10 18.29
N ILE A 38 -0.62 -3.51 19.13
CA ILE A 38 -2.03 -3.32 18.78
C ILE A 38 -2.21 -2.14 17.84
N PHE A 39 -1.65 -0.99 18.21
CA PHE A 39 -1.67 0.23 17.42
C PHE A 39 -0.25 0.73 17.16
N TRP A 40 -0.08 1.43 16.05
CA TRP A 40 1.18 2.06 15.71
C TRP A 40 0.92 3.13 14.65
N VAL A 41 1.75 4.17 14.66
CA VAL A 41 1.59 5.25 13.70
C VAL A 41 2.01 4.76 12.32
N SER A 42 1.08 4.77 11.38
CA SER A 42 1.38 4.35 10.02
C SER A 42 1.34 5.50 9.01
N LYS A 43 0.88 6.68 9.42
CA LYS A 43 0.94 7.89 8.62
C LYS A 43 1.07 9.08 9.55
N TRP A 44 1.80 10.09 9.10
CA TRP A 44 1.93 11.30 9.90
C TRP A 44 2.36 12.44 9.00
N VAL A 45 1.98 13.66 9.37
CA VAL A 45 2.36 14.86 8.64
C VAL A 45 2.60 15.96 9.67
N ASP A 46 3.71 16.68 9.52
CA ASP A 46 4.13 17.71 10.46
C ASP A 46 3.86 19.08 9.85
N TYR A 47 2.92 19.81 10.43
CA TYR A 47 2.61 21.19 10.07
C TYR A 47 2.68 22.06 11.30
N SER A 48 3.67 21.80 12.16
CA SER A 48 3.74 22.46 13.45
C SER A 48 3.96 23.95 13.32
N ASP A 49 4.41 24.43 12.15
CA ASP A 49 4.57 25.86 11.94
C ASP A 49 3.26 26.61 12.11
N LYS A 50 2.14 25.97 11.74
CA LYS A 50 0.82 26.57 11.80
C LYS A 50 -0.09 25.93 12.83
N TYR A 51 -0.27 24.61 12.79
CA TYR A 51 -1.25 23.93 13.62
C TYR A 51 -0.64 22.87 14.52
N GLY A 52 0.05 21.89 13.96
CA GLY A 52 0.61 20.83 14.77
C GLY A 52 0.97 19.64 13.88
N LEU A 53 1.00 18.47 14.50
CA LEU A 53 1.37 17.24 13.81
C LEU A 53 0.17 16.29 13.82
N GLY A 54 -0.35 15.99 12.63
CA GLY A 54 -1.43 15.03 12.50
C GLY A 54 -0.91 13.66 12.08
N TYR A 55 -1.62 12.62 12.49
CA TYR A 55 -1.16 11.27 12.25
C TYR A 55 -2.35 10.35 12.02
N GLN A 56 -2.04 9.07 11.76
CA GLN A 56 -3.02 8.00 11.64
C GLN A 56 -2.43 6.73 12.24
N LEU A 57 -3.22 6.02 13.05
CA LEU A 57 -2.78 4.77 13.65
C LEU A 57 -2.94 3.62 12.65
N CYS A 58 -2.73 2.37 13.09
CA CYS A 58 -2.89 1.27 12.16
C CYS A 58 -4.36 1.08 11.78
N ASP A 59 -5.27 1.19 12.74
CA ASP A 59 -6.65 1.46 12.41
C ASP A 59 -6.75 2.82 11.72
N ASN A 60 -7.81 3.00 10.94
CA ASN A 60 -7.92 4.28 10.24
C ASN A 60 -8.12 5.47 11.18
N SER A 61 -8.14 5.24 12.49
CA SER A 61 -8.38 6.32 13.43
C SER A 61 -7.32 7.41 13.28
N VAL A 62 -7.77 8.66 13.21
CA VAL A 62 -6.93 9.80 12.93
C VAL A 62 -6.86 10.68 14.17
N GLY A 63 -5.65 11.12 14.52
CA GLY A 63 -5.45 12.04 15.62
C GLY A 63 -4.55 13.19 15.23
N VAL A 64 -4.71 14.31 15.94
CA VAL A 64 -3.89 15.49 15.74
C VAL A 64 -3.42 15.99 17.08
N LEU A 65 -2.12 16.33 17.17
CA LEU A 65 -1.52 16.97 18.34
C LEU A 65 -1.22 18.43 18.00
N PHE A 66 -2.10 19.32 18.46
CA PHE A 66 -2.04 20.72 18.08
C PHE A 66 -0.93 21.46 18.84
N ASN A 67 -0.58 22.64 18.33
CA ASN A 67 0.50 23.42 18.94
C ASN A 67 0.15 23.84 20.36
N ASP A 68 -1.12 24.08 20.67
CA ASP A 68 -1.54 24.54 21.99
C ASP A 68 -1.56 23.42 23.03
N SER A 69 -1.08 22.22 22.67
CA SER A 69 -1.00 21.00 23.50
C SER A 69 -2.34 20.30 23.67
N THR A 70 -3.37 20.67 22.91
CA THR A 70 -4.63 19.94 22.91
C THR A 70 -4.61 18.85 21.84
N ARG A 71 -5.52 17.89 21.96
CA ARG A 71 -5.51 16.72 21.10
C ARG A 71 -6.92 16.35 20.66
N LEU A 72 -7.02 15.86 19.42
CA LEU A 72 -8.29 15.52 18.81
C LEU A 72 -8.13 14.23 18.03
N ILE A 73 -8.90 13.21 18.40
CA ILE A 73 -8.83 11.88 17.77
C ILE A 73 -10.18 11.57 17.14
N LEU A 74 -10.14 11.10 15.90
CA LEU A 74 -11.34 10.66 15.18
C LEU A 74 -11.26 9.15 15.01
N TYR A 75 -12.19 8.42 15.62
CA TYR A 75 -12.12 6.97 15.58
C TYR A 75 -12.27 6.47 14.13
N ASN A 76 -11.76 5.25 13.88
CA ASN A 76 -11.83 4.68 12.55
C ASN A 76 -13.25 4.38 12.09
N ASP A 77 -14.27 4.52 12.95
CA ASP A 77 -15.69 4.45 12.57
C ASP A 77 -16.18 5.68 11.81
N GLY A 78 -15.35 6.71 11.70
CA GLY A 78 -15.67 7.91 10.96
C GLY A 78 -16.44 8.96 11.74
N ASP A 79 -16.97 8.62 12.92
CA ASP A 79 -17.84 9.55 13.64
C ASP A 79 -17.37 9.83 15.07
N SER A 80 -17.06 8.79 15.85
CA SER A 80 -16.73 8.98 17.25
C SER A 80 -15.51 9.88 17.41
N LEU A 81 -15.50 10.68 18.48
CA LEU A 81 -14.47 11.69 18.72
C LEU A 81 -13.95 11.61 20.15
N GLN A 82 -12.75 12.17 20.34
CA GLN A 82 -12.14 12.24 21.66
C GLN A 82 -11.24 13.47 21.71
N TYR A 83 -11.48 14.34 22.69
CA TYR A 83 -10.75 15.59 22.84
C TYR A 83 -10.04 15.58 24.19
N ILE A 84 -8.73 15.85 24.17
CA ILE A 84 -7.91 15.84 25.37
C ILE A 84 -7.19 17.18 25.45
N GLU A 85 -7.34 17.88 26.55
CA GLU A 85 -6.73 19.18 26.72
C GLU A 85 -5.30 19.03 27.25
N ARG A 86 -4.60 20.16 27.36
CA ARG A 86 -3.22 20.15 27.83
C ARG A 86 -3.12 19.58 29.24
N ASP A 87 -4.12 19.88 30.08
CA ASP A 87 -4.09 19.47 31.48
C ASP A 87 -4.56 18.03 31.71
N GLY A 88 -5.05 17.34 30.67
CA GLY A 88 -5.30 15.91 30.73
C GLY A 88 -6.75 15.47 30.57
N THR A 89 -7.71 16.35 30.84
CA THR A 89 -9.11 15.94 30.83
C THR A 89 -9.52 15.42 29.45
N GLU A 90 -10.39 14.42 29.44
CA GLU A 90 -10.91 13.84 28.22
C GLU A 90 -12.40 14.11 28.09
N SER A 91 -12.85 14.27 26.85
CA SER A 91 -14.25 14.49 26.55
C SER A 91 -14.60 13.72 25.29
N TYR A 92 -15.82 13.18 25.26
CA TYR A 92 -16.22 12.27 24.19
C TYR A 92 -17.38 12.91 23.43
N LEU A 93 -17.09 13.32 22.19
CA LEU A 93 -18.05 13.98 21.33
C LEU A 93 -18.28 13.11 20.10
N THR A 94 -18.99 13.68 19.12
CA THR A 94 -19.15 13.07 17.81
C THR A 94 -19.12 14.18 16.77
N VAL A 95 -19.08 13.79 15.50
CA VAL A 95 -19.24 14.75 14.42
C VAL A 95 -20.72 14.97 14.08
N SER A 96 -21.59 13.99 14.35
CA SER A 96 -23.03 14.21 14.18
C SER A 96 -23.53 15.33 15.07
N SER A 97 -23.06 15.36 16.32
CA SER A 97 -23.27 16.53 17.16
C SER A 97 -22.41 17.69 16.65
N HIS A 98 -22.78 18.91 17.06
CA HIS A 98 -22.16 20.13 16.55
C HIS A 98 -21.57 20.95 17.71
N PRO A 99 -20.43 20.51 18.26
CA PRO A 99 -19.79 21.28 19.33
C PRO A 99 -19.09 22.51 18.77
N ASN A 100 -19.64 23.69 19.03
CA ASN A 100 -19.15 24.90 18.37
C ASN A 100 -17.73 25.23 18.79
N SER A 101 -17.34 24.84 20.00
CA SER A 101 -16.02 25.20 20.50
C SER A 101 -14.89 24.61 19.65
N LEU A 102 -15.13 23.47 18.99
CA LEU A 102 -14.09 22.76 18.27
C LEU A 102 -14.26 22.77 16.76
N MET A 103 -15.31 23.42 16.24
CA MET A 103 -15.58 23.33 14.81
C MET A 103 -14.46 23.93 13.98
N LYS A 104 -13.55 24.68 14.58
CA LYS A 104 -12.36 25.15 13.87
C LYS A 104 -11.20 24.16 13.96
N LYS A 105 -11.24 23.23 14.91
CA LYS A 105 -10.25 22.16 15.00
C LYS A 105 -10.70 20.88 14.31
N ILE A 106 -12.01 20.64 14.23
CA ILE A 106 -12.50 19.51 13.46
C ILE A 106 -12.22 19.71 11.99
N THR A 107 -12.39 20.95 11.50
CA THR A 107 -12.04 21.23 10.11
C THR A 107 -10.57 20.93 9.84
N LEU A 108 -9.70 21.22 10.80
CA LEU A 108 -8.27 20.96 10.59
C LEU A 108 -7.90 19.50 10.84
N LEU A 109 -8.61 18.82 11.75
CA LEU A 109 -8.50 17.37 11.82
C LEU A 109 -8.92 16.71 10.52
N ASN A 110 -9.91 17.30 9.84
CA ASN A 110 -10.34 16.77 8.55
C ASN A 110 -9.30 17.03 7.46
N TYR A 111 -8.72 18.23 7.45
CA TYR A 111 -7.69 18.55 6.46
C TYR A 111 -6.52 17.57 6.56
N PHE A 112 -6.04 17.32 7.78
CA PHE A 112 -4.99 16.33 7.96
C PHE A 112 -5.44 14.95 7.51
N ARG A 113 -6.68 14.58 7.82
CA ARG A 113 -7.17 13.25 7.45
C ARG A 113 -7.28 13.10 5.95
N ASN A 114 -7.68 14.17 5.26
CA ASN A 114 -7.75 14.12 3.80
C ASN A 114 -6.35 14.06 3.19
N TYR A 115 -5.40 14.83 3.74
CA TYR A 115 -4.06 14.83 3.17
C TYR A 115 -3.41 13.45 3.31
N MET A 116 -3.43 12.89 4.51
CA MET A 116 -2.78 11.60 4.73
C MET A 116 -3.41 10.53 3.85
N SER A 117 -4.72 10.59 3.67
CA SER A 117 -5.40 9.65 2.78
C SER A 117 -5.09 9.91 1.32
N GLU A 118 -4.66 11.13 0.98
CA GLU A 118 -4.49 11.48 -0.43
C GLU A 118 -3.07 11.27 -0.92
N HIS A 119 -2.06 11.49 -0.08
CA HIS A 119 -0.68 11.50 -0.53
C HIS A 119 0.21 10.45 0.13
N LEU A 120 0.00 10.14 1.41
CA LEU A 120 0.97 9.39 2.19
C LEU A 120 0.64 7.90 2.21
N LEU A 121 1.68 7.09 2.40
CA LEU A 121 1.56 5.64 2.33
C LEU A 121 1.48 5.01 3.72
N LYS A 122 0.63 4.01 3.85
CA LYS A 122 0.34 3.38 5.13
C LYS A 122 1.49 2.47 5.51
N ALA A 123 2.17 2.79 6.61
CA ALA A 123 3.30 2.00 7.04
C ALA A 123 2.80 0.74 7.74
N GLY A 124 3.54 -0.36 7.57
CA GLY A 124 3.10 -1.64 8.09
C GLY A 124 1.84 -2.17 7.42
N ALA A 125 1.75 -2.07 6.10
CA ALA A 125 0.54 -2.53 5.42
C ALA A 125 0.44 -4.05 5.40
N ASN A 126 1.55 -4.76 5.57
CA ASN A 126 1.59 -6.22 5.55
C ASN A 126 1.59 -6.84 6.94
N ILE A 127 1.32 -6.06 7.98
CA ILE A 127 1.33 -6.55 9.36
C ILE A 127 -0.10 -6.74 9.84
N THR A 128 -0.38 -7.93 10.39
CA THR A 128 -1.63 -8.16 11.08
C THR A 128 -1.48 -7.68 12.52
N PRO A 129 -2.18 -6.64 12.95
CA PRO A 129 -2.09 -6.22 14.35
C PRO A 129 -2.65 -7.28 15.29
N ARG A 130 -2.31 -7.16 16.56
CA ARG A 130 -2.83 -8.09 17.55
C ARG A 130 -4.12 -7.55 18.16
N GLU A 131 -5.01 -8.48 18.51
CA GLU A 131 -6.36 -8.13 18.92
C GLU A 131 -6.34 -7.39 20.26
N GLY A 132 -7.13 -6.33 20.35
CA GLY A 132 -7.25 -5.54 21.56
C GLY A 132 -8.59 -5.75 22.24
N ASP A 133 -8.70 -5.18 23.44
CA ASP A 133 -9.88 -5.34 24.26
C ASP A 133 -11.11 -4.79 23.54
N GLU A 134 -12.29 -5.22 24.00
CA GLU A 134 -13.53 -4.93 23.30
C GLU A 134 -13.83 -3.42 23.31
N LEU A 135 -14.03 -2.86 24.48
CA LEU A 135 -14.43 -1.45 24.60
C LEU A 135 -13.24 -0.59 25.03
N ALA A 136 -12.10 -0.78 24.37
CA ALA A 136 -10.89 -0.05 24.72
C ALA A 136 -10.83 1.23 23.91
N ARG A 137 -10.69 2.37 24.59
CA ARG A 137 -10.48 3.64 23.92
C ARG A 137 -9.09 3.68 23.28
N LEU A 138 -8.97 4.51 22.25
CA LEU A 138 -7.70 4.64 21.55
C LEU A 138 -6.69 5.38 22.42
N PRO A 139 -5.40 5.15 22.20
CA PRO A 139 -4.39 6.01 22.82
C PRO A 139 -4.17 7.26 21.99
N TYR A 140 -3.72 8.30 22.66
CA TYR A 140 -3.37 9.55 21.99
C TYR A 140 -1.85 9.68 21.93
N LEU A 141 -1.40 10.63 21.10
CA LEU A 141 0.02 10.92 20.96
C LEU A 141 0.43 11.89 22.05
N ARG A 142 1.25 11.42 22.99
CA ARG A 142 1.63 12.26 24.13
C ARG A 142 2.70 13.27 23.73
N THR A 143 3.82 12.81 23.20
CA THR A 143 4.95 13.69 22.91
C THR A 143 5.69 13.16 21.69
N TRP A 144 6.12 14.08 20.82
CA TRP A 144 6.88 13.72 19.64
C TRP A 144 7.99 14.74 19.42
N PHE A 145 9.07 14.31 18.78
CA PHE A 145 10.08 15.23 18.30
C PHE A 145 10.68 14.66 17.02
N ARG A 146 11.24 15.55 16.21
CA ARG A 146 11.65 15.21 14.84
C ARG A 146 12.99 15.87 14.57
N THR A 147 14.02 15.05 14.38
CA THR A 147 15.37 15.49 14.08
C THR A 147 15.68 15.21 12.61
N ARG A 148 16.96 15.24 12.25
CA ARG A 148 17.33 15.00 10.87
C ARG A 148 17.43 13.53 10.55
N SER A 149 17.91 12.72 11.51
CA SER A 149 18.09 11.31 11.25
C SER A 149 16.82 10.49 11.48
N ALA A 150 15.89 10.97 12.29
CA ALA A 150 14.71 10.17 12.64
C ALA A 150 13.64 11.06 13.27
N ILE A 151 12.44 10.50 13.39
CA ILE A 151 11.32 11.06 14.15
C ILE A 151 10.93 10.07 15.24
N ILE A 152 10.46 10.58 16.37
CA ILE A 152 10.10 9.77 17.52
C ILE A 152 8.66 10.11 17.91
N LEU A 153 7.85 9.09 18.13
CA LEU A 153 6.47 9.26 18.55
C LEU A 153 6.23 8.44 19.81
N HIS A 154 5.53 9.03 20.77
CA HIS A 154 5.31 8.41 22.08
C HIS A 154 3.81 8.40 22.35
N LEU A 155 3.17 7.24 22.23
CA LEU A 155 1.74 7.13 22.47
C LEU A 155 1.45 7.11 23.97
N SER A 156 0.16 7.25 24.32
CA SER A 156 -0.23 7.27 25.72
C SER A 156 -0.27 5.89 26.37
N ASN A 157 -0.19 4.81 25.59
CA ASN A 157 -0.16 3.46 26.13
C ASN A 157 1.27 2.92 26.26
N GLY A 158 2.26 3.81 26.27
CA GLY A 158 3.65 3.46 26.46
C GLY A 158 4.44 3.22 25.19
N THR A 159 3.80 2.73 24.13
CA THR A 159 4.53 2.40 22.92
C THR A 159 5.28 3.61 22.40
N VAL A 160 6.55 3.41 22.04
CA VAL A 160 7.39 4.43 21.43
C VAL A 160 7.78 3.93 20.05
N GLN A 161 7.50 4.74 19.03
CA GLN A 161 7.86 4.42 17.65
C GLN A 161 8.94 5.37 17.17
N ILE A 162 9.87 4.83 16.37
CA ILE A 162 10.98 5.60 15.83
C ILE A 162 11.16 5.19 14.38
N ASN A 163 11.01 6.14 13.46
CA ASN A 163 11.22 5.90 12.03
C ASN A 163 12.50 6.61 11.61
N PHE A 164 13.45 5.86 11.07
CA PHE A 164 14.70 6.43 10.55
C PHE A 164 14.47 6.88 9.11
N PHE A 165 14.76 8.15 8.83
CA PHE A 165 14.45 8.70 7.51
C PHE A 165 15.37 8.15 6.43
N GLN A 166 16.66 7.97 6.75
CA GLN A 166 17.62 7.54 5.73
C GLN A 166 17.47 6.05 5.43
N ASP A 167 17.45 5.21 6.46
CA ASP A 167 17.34 3.77 6.27
C ASP A 167 15.94 3.33 5.89
N HIS A 168 14.92 4.19 6.10
CA HIS A 168 13.51 3.86 5.95
C HIS A 168 13.02 2.86 6.98
N THR A 169 13.93 2.33 7.80
CA THR A 169 13.59 1.35 8.81
C THR A 169 12.79 2.01 9.94
N LYS A 170 12.14 1.18 10.75
CA LYS A 170 11.24 1.68 11.77
C LYS A 170 11.30 0.74 12.97
N LEU A 171 11.24 1.31 14.17
CA LEU A 171 11.21 0.55 15.41
C LEU A 171 9.94 0.88 16.17
N ILE A 172 9.33 -0.16 16.77
CA ILE A 172 8.16 0.00 17.63
C ILE A 172 8.46 -0.73 18.93
N LEU A 173 8.72 0.01 20.00
CA LEU A 173 9.09 -0.56 21.28
C LEU A 173 7.91 -0.51 22.24
N CYS A 174 7.55 -1.66 22.81
CA CYS A 174 6.46 -1.73 23.77
C CYS A 174 6.99 -2.15 25.14
N PRO A 175 6.91 -1.29 26.15
CA PRO A 175 7.48 -1.64 27.47
C PRO A 175 6.66 -2.65 28.23
N LEU A 176 5.44 -2.96 27.79
CA LEU A 176 4.55 -3.88 28.48
C LEU A 176 4.76 -5.31 28.03
N MET A 177 4.79 -5.55 26.71
CA MET A 177 5.19 -6.84 26.18
C MET A 177 6.70 -7.07 26.28
N ALA A 178 7.48 -6.01 26.53
CA ALA A 178 8.94 -6.06 26.50
C ALA A 178 9.45 -6.56 25.14
N ALA A 179 8.96 -5.93 24.07
CA ALA A 179 9.27 -6.36 22.72
C ALA A 179 9.58 -5.15 21.85
N VAL A 180 10.21 -5.42 20.71
CA VAL A 180 10.49 -4.41 19.70
C VAL A 180 10.21 -5.03 18.34
N THR A 181 9.66 -4.23 17.44
CA THR A 181 9.42 -4.65 16.06
C THR A 181 10.34 -3.85 15.15
N TYR A 182 11.16 -4.55 14.37
CA TYR A 182 12.06 -3.90 13.43
C TYR A 182 11.48 -4.06 12.02
N ILE A 183 11.35 -2.95 11.30
CA ILE A 183 10.84 -2.95 9.93
C ILE A 183 12.01 -2.75 8.99
N ASN A 184 12.18 -3.70 8.06
CA ASN A 184 13.36 -3.76 7.20
C ASN A 184 13.33 -2.68 6.12
N GLU A 185 14.49 -2.48 5.49
CA GLU A 185 14.56 -1.60 4.33
C GLU A 185 13.64 -2.08 3.20
N LYS A 186 13.34 -3.38 3.17
CA LYS A 186 12.43 -3.97 2.20
C LYS A 186 11.02 -4.11 2.75
N ARG A 187 10.71 -3.40 3.83
CA ARG A 187 9.39 -3.40 4.47
C ARG A 187 9.05 -4.72 5.13
N ASP A 188 10.04 -5.58 5.36
CA ASP A 188 9.84 -6.82 6.12
C ASP A 188 10.02 -6.55 7.61
N PHE A 189 9.33 -7.34 8.42
CA PHE A 189 9.20 -7.01 9.84
C PHE A 189 9.28 -8.28 10.67
N GLN A 190 9.58 -8.08 11.95
CA GLN A 190 9.60 -9.15 12.93
C GLN A 190 9.59 -8.54 14.33
N THR A 191 9.06 -9.29 15.29
CA THR A 191 8.95 -8.85 16.68
C THR A 191 9.83 -9.73 17.53
N TYR A 192 10.75 -9.13 18.29
CA TYR A 192 11.68 -9.84 19.16
C TYR A 192 11.41 -9.47 20.61
N ARG A 193 11.36 -10.48 21.47
CA ARG A 193 11.30 -10.24 22.90
C ARG A 193 12.61 -9.64 23.36
N LEU A 194 12.54 -8.67 24.28
CA LEU A 194 13.74 -7.92 24.63
C LEU A 194 14.67 -8.72 25.55
N SER A 195 14.12 -9.45 26.52
CA SER A 195 14.96 -10.26 27.40
C SER A 195 15.62 -11.42 26.65
N LEU A 196 14.96 -11.92 25.61
CA LEU A 196 15.58 -12.95 24.78
C LEU A 196 16.76 -12.40 24.00
N LEU A 197 16.71 -11.12 23.60
CA LEU A 197 17.84 -10.52 22.91
C LEU A 197 19.08 -10.46 23.80
N GLU A 198 18.89 -10.39 25.13
CA GLU A 198 20.04 -10.43 26.03
C GLU A 198 20.75 -11.77 25.93
N GLU A 199 20.00 -12.86 25.75
CA GLU A 199 20.59 -14.18 25.78
C GLU A 199 21.13 -14.63 24.43
N TYR A 200 20.53 -14.19 23.32
CA TYR A 200 20.95 -14.65 22.00
C TYR A 200 21.51 -13.55 21.12
N GLY A 201 21.33 -12.27 21.46
CA GLY A 201 21.84 -11.18 20.65
C GLY A 201 21.11 -11.03 19.34
N CYS A 202 21.55 -10.05 18.55
CA CYS A 202 20.94 -9.79 17.26
C CYS A 202 21.99 -9.26 16.29
N CYS A 203 21.58 -9.07 15.04
CA CYS A 203 22.45 -8.55 14.00
C CYS A 203 22.86 -7.12 14.30
N LYS A 204 23.80 -6.62 13.50
CA LYS A 204 24.30 -5.26 13.69
C LYS A 204 23.20 -4.22 13.42
N GLU A 205 22.33 -4.49 12.45
CA GLU A 205 21.30 -3.51 12.09
C GLU A 205 20.37 -3.25 13.26
N LEU A 206 19.82 -4.32 13.85
CA LEU A 206 18.93 -4.15 14.98
C LEU A 206 19.69 -3.63 16.19
N ALA A 207 20.89 -4.15 16.43
CA ALA A 207 21.61 -3.78 17.64
C ALA A 207 21.96 -2.31 17.63
N SER A 208 22.34 -1.78 16.46
CA SER A 208 22.75 -0.39 16.36
C SER A 208 21.62 0.54 16.75
N ARG A 209 20.41 0.24 16.29
CA ARG A 209 19.27 1.11 16.50
C ARG A 209 18.74 1.04 17.93
N LEU A 210 18.90 -0.11 18.58
CA LEU A 210 18.51 -0.23 19.97
C LEU A 210 19.37 0.67 20.85
N ARG A 211 20.64 0.83 20.48
CA ARG A 211 21.52 1.78 21.17
C ARG A 211 21.08 3.22 20.92
N TYR A 212 20.80 3.56 19.66
CA TYR A 212 20.31 4.89 19.34
C TYR A 212 18.95 5.14 19.97
N ALA A 213 18.07 4.14 19.96
CA ALA A 213 16.74 4.33 20.52
C ALA A 213 16.77 4.57 22.02
N ARG A 214 17.87 4.22 22.69
CA ARG A 214 17.93 4.50 24.12
C ARG A 214 18.14 5.98 24.37
N THR A 215 19.10 6.58 23.66
CA THR A 215 19.34 8.01 23.81
C THR A 215 18.11 8.84 23.46
N MET A 216 17.23 8.32 22.58
CA MET A 216 15.99 9.02 22.30
C MET A 216 15.02 8.91 23.47
N VAL A 217 14.96 7.74 24.12
CA VAL A 217 14.16 7.62 25.33
C VAL A 217 14.69 8.54 26.41
N ASP A 218 16.02 8.69 26.48
CA ASP A 218 16.62 9.60 27.46
C ASP A 218 16.24 11.05 27.20
N LYS A 219 15.98 11.41 25.93
CA LYS A 219 15.57 12.77 25.60
C LYS A 219 14.08 13.02 25.83
N LEU A 220 13.27 11.97 25.84
CA LEU A 220 11.88 12.11 26.27
C LEU A 220 11.77 12.28 27.78
N LEU A 221 12.68 11.67 28.54
CA LEU A 221 12.64 11.81 29.99
C LEU A 221 13.49 12.97 30.49
N SER A 222 14.43 13.47 29.69
CA SER A 222 15.06 14.74 30.03
C SER A 222 14.08 15.91 29.94
N SER A 223 12.91 15.69 29.35
CA SER A 223 11.89 16.73 29.24
C SER A 223 10.60 16.28 29.91
N GLU B 1 -12.76 -5.69 -31.80
CA GLU B 1 -11.80 -4.60 -31.96
C GLU B 1 -10.56 -5.08 -32.71
N CYS B 2 -10.01 -4.23 -33.56
CA CYS B 2 -8.84 -4.61 -34.35
C CYS B 2 -7.60 -4.88 -33.50
N HIS B 3 -7.58 -4.39 -32.25
CA HIS B 3 -6.46 -4.71 -31.38
C HIS B 3 -6.65 -6.06 -30.69
N LEU B 4 -7.89 -6.45 -30.43
CA LEU B 4 -8.15 -7.81 -29.94
C LEU B 4 -7.86 -8.85 -31.02
N SER B 5 -8.33 -8.60 -32.24
CA SER B 5 -8.08 -9.54 -33.33
C SER B 5 -6.59 -9.63 -33.64
N ASP B 6 -5.88 -8.50 -33.56
CA ASP B 6 -4.43 -8.53 -33.72
C ASP B 6 -3.79 -9.39 -32.64
N LEU B 7 -4.28 -9.29 -31.40
CA LEU B 7 -3.74 -10.10 -30.32
C LEU B 7 -3.98 -11.59 -30.54
N LEU B 8 -4.94 -11.95 -31.40
CA LEU B 8 -5.25 -13.35 -31.63
C LEU B 8 -4.12 -14.08 -32.35
N GLN B 9 -3.86 -13.73 -33.62
CA GLN B 9 -2.86 -14.48 -34.39
C GLN B 9 -1.51 -14.46 -33.69
N GLN B 10 -1.17 -13.34 -33.06
CA GLN B 10 0.03 -13.32 -32.24
C GLN B 10 -0.03 -14.42 -31.19
N LEU B 11 -1.19 -14.60 -30.57
CA LEU B 11 -1.34 -15.65 -29.57
C LEU B 11 -1.60 -17.01 -30.20
N THR B 12 -2.15 -17.06 -31.41
CA THR B 12 -2.37 -18.35 -32.06
C THR B 12 -1.17 -18.80 -32.88
N SER B 13 -0.35 -17.87 -33.37
CA SER B 13 0.90 -18.27 -34.02
C SER B 13 1.87 -18.88 -33.01
N VAL B 14 2.02 -18.24 -31.85
CA VAL B 14 2.89 -18.77 -30.81
C VAL B 14 2.43 -20.16 -30.39
N ASN B 15 1.14 -20.32 -30.09
CA ASN B 15 0.65 -21.60 -29.59
C ASN B 15 0.73 -22.69 -30.66
N ALA B 16 0.61 -22.30 -31.93
CA ALA B 16 0.67 -23.25 -33.03
C ALA B 16 2.09 -23.73 -33.33
N SER B 17 3.11 -23.03 -32.83
CA SER B 17 4.49 -23.44 -33.03
C SER B 17 4.98 -24.45 -31.98
N LYS B 18 4.14 -24.76 -30.99
CA LYS B 18 4.49 -25.67 -29.91
C LYS B 18 5.83 -25.31 -29.28
N PRO B 19 5.95 -24.12 -28.66
CA PRO B 19 7.26 -23.66 -28.19
C PRO B 19 7.83 -24.50 -27.05
N SER B 20 6.97 -25.17 -26.27
CA SER B 20 7.49 -26.03 -25.22
C SER B 20 8.21 -27.23 -25.79
N GLU B 21 7.84 -27.64 -27.01
CA GLU B 21 8.38 -28.85 -27.64
C GLU B 21 9.45 -28.48 -28.66
N ARG B 22 10.57 -28.01 -28.13
CA ARG B 22 11.75 -27.70 -28.91
C ARG B 22 12.83 -28.75 -28.65
N GLY B 23 13.92 -28.64 -29.39
CA GLY B 23 15.11 -29.45 -29.10
C GLY B 23 15.94 -28.78 -28.03
N LEU B 24 16.15 -27.47 -28.19
CA LEU B 24 16.82 -26.65 -27.18
C LEU B 24 16.00 -25.38 -27.04
N VAL B 25 15.19 -25.32 -25.99
CA VAL B 25 14.44 -24.10 -25.69
C VAL B 25 15.40 -23.02 -25.21
N ARG B 26 15.38 -21.87 -25.88
CA ARG B 26 16.18 -20.69 -25.50
C ARG B 26 15.21 -19.55 -25.22
N GLN B 27 14.57 -19.61 -24.06
CA GLN B 27 13.59 -18.59 -23.69
C GLN B 27 14.25 -17.23 -23.46
N GLU B 28 15.45 -17.23 -22.88
CA GLU B 28 16.13 -15.97 -22.57
C GLU B 28 16.60 -15.23 -23.81
N GLU B 29 16.79 -15.93 -24.92
CA GLU B 29 17.16 -15.28 -26.17
C GLU B 29 15.99 -14.50 -26.77
N ALA B 30 14.82 -14.52 -26.16
CA ALA B 30 13.68 -13.75 -26.61
C ALA B 30 13.33 -12.59 -25.69
N GLU B 31 14.13 -12.34 -24.65
CA GLU B 31 13.82 -11.31 -23.66
C GLU B 31 14.25 -9.93 -24.16
N ASP B 32 13.33 -8.97 -24.11
CA ASP B 32 13.62 -7.58 -24.42
C ASP B 32 13.02 -6.71 -23.33
N PRO B 33 13.83 -6.05 -22.50
CA PRO B 33 13.26 -5.16 -21.47
C PRO B 33 12.57 -3.94 -22.05
N ALA B 34 12.97 -3.48 -23.24
CA ALA B 34 12.46 -2.22 -23.79
C ALA B 34 11.00 -2.26 -24.18
N CYS B 35 10.36 -3.44 -24.16
CA CYS B 35 8.94 -3.55 -24.48
C CYS B 35 8.07 -3.70 -23.24
N ILE B 36 8.59 -3.37 -22.06
CA ILE B 36 7.79 -3.40 -20.83
C ILE B 36 6.66 -2.39 -20.95
N PRO B 37 5.42 -2.72 -20.58
CA PRO B 37 4.30 -1.80 -20.81
C PRO B 37 4.36 -0.57 -19.92
N ILE B 38 3.70 0.49 -20.40
CA ILE B 38 3.60 1.73 -19.63
C ILE B 38 2.56 1.61 -18.54
N PHE B 39 1.42 1.00 -18.84
CA PHE B 39 0.30 0.87 -17.92
C PHE B 39 -0.08 -0.57 -17.72
N TRP B 40 -0.55 -0.88 -16.51
CA TRP B 40 -1.14 -2.18 -16.19
C TRP B 40 -1.91 -2.03 -14.89
N VAL B 41 -2.97 -2.82 -14.75
CA VAL B 41 -3.79 -2.77 -13.54
C VAL B 41 -3.03 -3.43 -12.41
N SER B 42 -2.87 -2.72 -11.31
CA SER B 42 -2.13 -3.26 -10.16
C SER B 42 -3.04 -3.69 -9.03
N LYS B 43 -4.14 -2.97 -8.80
CA LYS B 43 -5.15 -3.34 -7.81
C LYS B 43 -6.51 -3.36 -8.48
N TRP B 44 -7.37 -4.25 -8.00
CA TRP B 44 -8.74 -4.32 -8.49
C TRP B 44 -9.62 -4.91 -7.39
N VAL B 45 -10.85 -4.44 -7.33
CA VAL B 45 -11.82 -4.93 -6.36
C VAL B 45 -13.17 -5.05 -7.05
N ASP B 46 -13.81 -6.20 -6.89
CA ASP B 46 -15.04 -6.54 -7.60
C ASP B 46 -16.24 -6.35 -6.67
N TYR B 47 -16.93 -5.21 -6.83
CA TYR B 47 -18.15 -4.92 -6.10
C TYR B 47 -19.34 -4.84 -7.05
N SER B 48 -19.34 -5.69 -8.09
CA SER B 48 -20.43 -5.69 -9.06
C SER B 48 -21.78 -6.03 -8.44
N ASP B 49 -21.78 -6.49 -7.18
CA ASP B 49 -23.03 -6.70 -6.46
C ASP B 49 -23.83 -5.40 -6.35
N LYS B 50 -23.14 -4.27 -6.19
CA LYS B 50 -23.80 -2.98 -6.01
C LYS B 50 -23.20 -1.90 -6.89
N TYR B 51 -21.88 -1.65 -6.76
CA TYR B 51 -21.25 -0.52 -7.43
C TYR B 51 -20.62 -0.93 -8.76
N GLY B 52 -19.67 -1.88 -8.72
CA GLY B 52 -18.94 -2.31 -9.90
C GLY B 52 -17.49 -2.62 -9.58
N LEU B 53 -16.61 -2.45 -10.57
CA LEU B 53 -15.20 -2.77 -10.43
C LEU B 53 -14.40 -1.49 -10.25
N GLY B 54 -13.51 -1.49 -9.25
CA GLY B 54 -12.52 -0.43 -9.09
C GLY B 54 -11.15 -0.99 -9.40
N TYR B 55 -10.30 -0.16 -9.99
CA TYR B 55 -8.97 -0.60 -10.37
C TYR B 55 -7.96 0.51 -10.14
N GLN B 56 -6.70 0.12 -9.99
CA GLN B 56 -5.58 1.05 -9.91
C GLN B 56 -4.56 0.65 -10.96
N LEU B 57 -4.00 1.65 -11.64
CA LEU B 57 -2.92 1.42 -12.60
C LEU B 57 -1.56 1.47 -11.88
N CYS B 58 -0.50 1.16 -12.62
CA CYS B 58 0.83 1.13 -12.01
C CYS B 58 1.33 2.49 -11.56
N ASP B 59 0.73 3.57 -12.06
CA ASP B 59 1.08 4.95 -11.73
C ASP B 59 0.22 5.52 -10.61
N ASN B 60 -0.48 4.66 -9.86
CA ASN B 60 -1.35 5.04 -8.74
C ASN B 60 -2.56 5.85 -9.18
N SER B 61 -2.89 5.81 -10.48
CA SER B 61 -4.12 6.43 -10.97
C SER B 61 -5.24 5.40 -10.87
N VAL B 62 -6.39 5.83 -10.39
CA VAL B 62 -7.46 4.94 -9.97
C VAL B 62 -8.67 5.16 -10.86
N GLY B 63 -9.32 4.07 -11.26
CA GLY B 63 -10.54 4.17 -12.04
C GLY B 63 -11.58 3.19 -11.55
N VAL B 64 -12.84 3.49 -11.92
CA VAL B 64 -13.98 2.65 -11.56
C VAL B 64 -14.82 2.43 -12.81
N LEU B 65 -15.21 1.18 -13.05
CA LEU B 65 -16.12 0.81 -14.14
C LEU B 65 -17.43 0.36 -13.50
N PHE B 66 -18.43 1.25 -13.52
CA PHE B 66 -19.68 1.04 -12.82
C PHE B 66 -20.54 -0.01 -13.53
N ASN B 67 -21.61 -0.43 -12.85
CA ASN B 67 -22.54 -1.40 -13.44
C ASN B 67 -23.24 -0.82 -14.67
N ASP B 68 -23.57 0.49 -14.64
CA ASP B 68 -24.27 1.12 -15.78
C ASP B 68 -23.36 1.39 -16.99
N SER B 69 -22.14 0.84 -16.94
CA SER B 69 -21.21 0.78 -18.09
C SER B 69 -20.57 2.14 -18.36
N THR B 70 -20.30 2.90 -17.31
CA THR B 70 -19.63 4.18 -17.42
C THR B 70 -18.31 4.16 -16.65
N ARG B 71 -17.38 5.00 -17.08
CA ARG B 71 -16.04 5.06 -16.50
C ARG B 71 -15.78 6.42 -15.87
N LEU B 72 -15.12 6.41 -14.71
CA LEU B 72 -14.63 7.61 -14.06
C LEU B 72 -13.21 7.37 -13.61
N ILE B 73 -12.26 8.10 -14.18
CA ILE B 73 -10.83 7.91 -13.93
C ILE B 73 -10.30 9.10 -13.17
N LEU B 74 -9.45 8.85 -12.18
CA LEU B 74 -8.79 9.87 -11.39
C LEU B 74 -7.30 9.83 -11.70
N TYR B 75 -6.79 10.91 -12.28
CA TYR B 75 -5.37 10.98 -12.60
C TYR B 75 -4.54 11.00 -11.32
N ASN B 76 -3.27 10.63 -11.45
CA ASN B 76 -2.42 10.47 -10.26
C ASN B 76 -2.14 11.77 -9.53
N ASP B 77 -2.65 12.90 -10.02
CA ASP B 77 -2.55 14.17 -9.31
C ASP B 77 -3.73 14.42 -8.37
N GLY B 78 -4.70 13.52 -8.31
CA GLY B 78 -5.92 13.74 -7.55
C GLY B 78 -6.85 14.81 -8.09
N ASP B 79 -6.35 15.75 -8.89
CA ASP B 79 -7.18 16.83 -9.40
C ASP B 79 -8.00 16.39 -10.62
N SER B 80 -7.34 15.80 -11.60
CA SER B 80 -7.95 15.59 -12.90
C SER B 80 -8.86 14.36 -12.88
N LEU B 81 -10.00 14.49 -13.56
CA LEU B 81 -10.95 13.40 -13.76
C LEU B 81 -11.20 13.20 -15.25
N GLN B 82 -11.75 12.04 -15.58
CA GLN B 82 -12.08 11.74 -16.97
C GLN B 82 -13.30 10.83 -16.94
N TYR B 83 -14.39 11.28 -17.55
CA TYR B 83 -15.64 10.54 -17.55
C TYR B 83 -15.92 9.99 -18.94
N ILE B 84 -16.23 8.69 -19.00
CA ILE B 84 -16.55 8.00 -20.25
C ILE B 84 -17.89 7.31 -20.07
N GLU B 85 -18.87 7.70 -20.89
CA GLU B 85 -20.19 7.09 -20.88
C GLU B 85 -20.18 5.81 -21.72
N ARG B 86 -21.28 5.05 -21.65
CA ARG B 86 -21.41 3.89 -22.54
C ARG B 86 -21.51 4.32 -23.99
N ASP B 87 -21.92 5.57 -24.25
CA ASP B 87 -21.75 6.17 -25.56
C ASP B 87 -20.32 6.03 -26.04
N GLY B 88 -19.35 6.24 -25.15
CA GLY B 88 -17.94 6.22 -25.46
C GLY B 88 -17.28 7.59 -25.38
N THR B 89 -18.06 8.66 -25.23
CA THR B 89 -17.51 10.01 -25.27
C THR B 89 -16.77 10.35 -23.98
N GLU B 90 -15.60 10.96 -24.13
CA GLU B 90 -14.79 11.38 -23.00
C GLU B 90 -15.15 12.81 -22.59
N SER B 91 -15.01 13.09 -21.29
CA SER B 91 -15.29 14.41 -20.75
C SER B 91 -14.31 14.68 -19.62
N TYR B 92 -13.33 15.52 -19.88
CA TYR B 92 -12.26 15.80 -18.92
C TYR B 92 -12.72 16.87 -17.94
N LEU B 93 -12.63 16.56 -16.65
CA LEU B 93 -13.16 17.45 -15.62
C LEU B 93 -12.14 17.64 -14.50
N THR B 94 -12.60 18.16 -13.35
CA THR B 94 -11.75 18.36 -12.19
C THR B 94 -12.59 18.07 -10.95
N VAL B 95 -11.92 17.60 -9.90
CA VAL B 95 -12.62 17.30 -8.67
C VAL B 95 -13.14 18.58 -8.02
N SER B 96 -12.38 19.67 -8.13
CA SER B 96 -12.82 20.94 -7.56
C SER B 96 -13.93 21.58 -8.39
N SER B 97 -14.03 21.25 -9.68
CA SER B 97 -15.10 21.72 -10.55
C SER B 97 -15.79 20.50 -11.19
N HIS B 98 -16.53 19.74 -10.38
CA HIS B 98 -17.16 18.50 -10.84
C HIS B 98 -18.67 18.68 -10.95
N PRO B 99 -19.28 18.20 -12.04
CA PRO B 99 -20.74 18.30 -12.16
C PRO B 99 -21.45 17.53 -11.05
N ASN B 100 -22.50 18.14 -10.50
CA ASN B 100 -23.22 17.52 -9.39
C ASN B 100 -23.83 16.18 -9.76
N SER B 101 -24.06 15.94 -11.05
CA SER B 101 -24.57 14.65 -11.49
C SER B 101 -23.64 13.52 -11.10
N LEU B 102 -22.32 13.76 -11.15
CA LEU B 102 -21.32 12.75 -10.84
C LEU B 102 -21.02 12.61 -9.36
N MET B 103 -21.40 13.59 -8.54
CA MET B 103 -20.96 13.62 -7.15
C MET B 103 -21.17 12.28 -6.44
N LYS B 104 -22.27 11.59 -6.75
CA LYS B 104 -22.51 10.31 -6.09
C LYS B 104 -21.61 9.22 -6.63
N LYS B 105 -21.10 9.37 -7.86
CA LYS B 105 -20.12 8.43 -8.38
C LYS B 105 -18.72 8.74 -7.88
N ILE B 106 -18.36 10.02 -7.82
CA ILE B 106 -17.09 10.43 -7.20
C ILE B 106 -16.99 9.86 -5.79
N THR B 107 -18.11 9.86 -5.05
CA THR B 107 -18.10 9.29 -3.71
C THR B 107 -17.69 7.83 -3.74
N LEU B 108 -18.17 7.09 -4.73
CA LEU B 108 -17.81 5.68 -4.82
C LEU B 108 -16.34 5.52 -5.21
N LEU B 109 -15.87 6.31 -6.18
CA LEU B 109 -14.47 6.26 -6.57
C LEU B 109 -13.54 6.56 -5.40
N ASN B 110 -13.97 7.41 -4.47
CA ASN B 110 -13.14 7.66 -3.30
C ASN B 110 -13.15 6.48 -2.33
N TYR B 111 -14.30 5.81 -2.18
CA TYR B 111 -14.36 4.64 -1.30
C TYR B 111 -13.56 3.48 -1.86
N PHE B 112 -13.68 3.22 -3.17
CA PHE B 112 -12.89 2.19 -3.81
C PHE B 112 -11.40 2.44 -3.62
N ARG B 113 -10.96 3.69 -3.84
CA ARG B 113 -9.54 3.97 -3.72
C ARG B 113 -9.11 4.02 -2.27
N ASN B 114 -10.01 4.35 -1.35
CA ASN B 114 -9.69 4.24 0.07
C ASN B 114 -9.52 2.79 0.46
N TYR B 115 -10.36 1.91 -0.09
CA TYR B 115 -10.27 0.51 0.23
C TYR B 115 -8.95 -0.07 -0.27
N MET B 116 -8.54 0.28 -1.48
CA MET B 116 -7.39 -0.38 -2.11
C MET B 116 -6.09 0.08 -1.49
N SER B 117 -5.96 1.37 -1.18
CA SER B 117 -4.73 1.87 -0.59
C SER B 117 -4.40 1.18 0.72
N GLU B 118 -5.40 0.95 1.57
CA GLU B 118 -5.14 0.37 2.87
C GLU B 118 -5.04 -1.15 2.86
N HIS B 119 -5.71 -1.82 1.92
CA HIS B 119 -5.92 -3.25 2.02
C HIS B 119 -5.25 -4.11 0.95
N LEU B 120 -4.77 -3.53 -0.14
CA LEU B 120 -4.35 -4.32 -1.28
C LEU B 120 -2.87 -4.11 -1.60
N LEU B 121 -2.20 -5.23 -1.91
CA LEU B 121 -0.85 -5.18 -2.45
C LEU B 121 -0.88 -4.51 -3.82
N LYS B 122 0.26 -3.98 -4.23
CA LYS B 122 0.42 -3.38 -5.55
C LYS B 122 1.20 -4.34 -6.45
N ALA B 123 0.53 -4.86 -7.48
CA ALA B 123 1.17 -5.81 -8.39
C ALA B 123 2.16 -5.10 -9.29
N GLY B 124 3.38 -5.64 -9.37
CA GLY B 124 4.43 -5.04 -10.17
C GLY B 124 5.10 -3.85 -9.52
N ALA B 125 5.36 -3.91 -8.22
CA ALA B 125 5.94 -2.78 -7.52
C ALA B 125 7.43 -2.62 -7.84
N ASN B 126 8.13 -3.72 -8.14
CA ASN B 126 9.55 -3.69 -8.44
C ASN B 126 9.83 -3.44 -9.92
N ILE B 127 8.89 -2.84 -10.63
CA ILE B 127 9.01 -2.65 -12.07
C ILE B 127 8.89 -1.17 -12.39
N THR B 128 9.86 -0.65 -13.11
CA THR B 128 9.72 0.68 -13.67
C THR B 128 8.97 0.55 -14.99
N PRO B 129 7.82 1.20 -15.14
CA PRO B 129 7.17 1.24 -16.46
C PRO B 129 8.06 1.93 -17.48
N ARG B 130 7.93 1.52 -18.74
CA ARG B 130 8.73 2.15 -19.78
C ARG B 130 8.25 3.58 -20.02
N GLU B 131 9.12 4.38 -20.64
CA GLU B 131 8.82 5.78 -20.91
C GLU B 131 7.51 5.94 -21.67
N GLY B 132 6.50 6.49 -20.99
CA GLY B 132 5.28 6.90 -21.64
C GLY B 132 5.34 8.40 -21.87
N ASP B 133 5.20 8.80 -23.14
CA ASP B 133 5.37 10.19 -23.52
C ASP B 133 4.44 11.09 -22.70
N GLU B 134 5.04 12.10 -22.07
CA GLU B 134 4.40 12.88 -21.01
C GLU B 134 3.35 13.83 -21.58
N LEU B 135 2.49 14.30 -20.68
CA LEU B 135 1.32 15.13 -21.02
C LEU B 135 0.44 14.42 -22.05
N ALA B 136 0.20 13.13 -21.80
CA ALA B 136 -0.70 12.32 -22.62
C ALA B 136 -1.89 11.89 -21.79
N ARG B 137 -2.94 11.41 -22.47
CA ARG B 137 -4.18 11.07 -21.81
C ARG B 137 -4.18 9.63 -21.33
N LEU B 138 -4.82 9.38 -20.19
CA LEU B 138 -4.77 8.08 -19.55
C LEU B 138 -5.68 7.09 -20.26
N PRO B 139 -5.35 5.79 -20.24
CA PRO B 139 -6.30 4.78 -20.74
C PRO B 139 -7.34 4.41 -19.69
N TYR B 140 -8.30 3.59 -20.11
CA TYR B 140 -9.34 3.09 -19.21
C TYR B 140 -9.62 1.62 -19.49
N LEU B 141 -10.30 0.99 -18.54
CA LEU B 141 -10.64 -0.43 -18.61
C LEU B 141 -11.94 -0.59 -19.38
N ARG B 142 -11.87 -1.21 -20.56
CA ARG B 142 -13.06 -1.45 -21.37
C ARG B 142 -13.93 -2.55 -20.78
N THR B 143 -13.48 -3.80 -20.88
CA THR B 143 -14.24 -4.94 -20.40
C THR B 143 -13.39 -5.74 -19.41
N TRP B 144 -14.05 -6.66 -18.71
CA TRP B 144 -13.42 -7.52 -17.73
C TRP B 144 -14.39 -8.64 -17.38
N PHE B 145 -13.83 -9.75 -16.88
CA PHE B 145 -14.65 -10.81 -16.32
C PHE B 145 -13.76 -11.77 -15.54
N ARG B 146 -14.34 -12.37 -14.51
CA ARG B 146 -13.68 -13.38 -13.70
C ARG B 146 -13.97 -14.78 -14.24
N THR B 147 -13.22 -15.75 -13.73
CA THR B 147 -13.54 -17.17 -13.86
C THR B 147 -13.12 -17.85 -12.57
N ARG B 148 -13.13 -19.18 -12.56
CA ARG B 148 -12.67 -19.90 -11.38
C ARG B 148 -11.15 -19.75 -11.22
N SER B 149 -10.41 -19.74 -12.32
CA SER B 149 -8.96 -19.74 -12.28
C SER B 149 -8.34 -18.35 -12.49
N ALA B 150 -9.04 -17.40 -13.09
CA ALA B 150 -8.42 -16.15 -13.48
C ALA B 150 -9.43 -15.02 -13.53
N ILE B 151 -8.92 -13.80 -13.69
CA ILE B 151 -9.68 -12.61 -14.04
C ILE B 151 -8.98 -11.94 -15.23
N ILE B 152 -9.77 -11.43 -16.17
CA ILE B 152 -9.24 -10.86 -17.40
C ILE B 152 -9.61 -9.39 -17.46
N LEU B 153 -8.65 -8.55 -17.85
CA LEU B 153 -8.83 -7.12 -17.94
C LEU B 153 -8.40 -6.63 -19.32
N HIS B 154 -9.14 -5.66 -19.89
CA HIS B 154 -8.90 -5.16 -21.24
C HIS B 154 -8.86 -3.64 -21.19
N LEU B 155 -7.66 -3.06 -21.30
CA LEU B 155 -7.53 -1.62 -21.24
C LEU B 155 -7.77 -0.98 -22.61
N SER B 156 -7.99 0.33 -22.60
CA SER B 156 -8.35 1.03 -23.82
C SER B 156 -7.22 0.98 -24.86
N ASN B 157 -5.97 1.05 -24.41
CA ASN B 157 -4.83 1.07 -25.32
C ASN B 157 -4.43 -0.32 -25.81
N GLY B 158 -5.35 -1.28 -25.77
CA GLY B 158 -5.11 -2.59 -26.34
C GLY B 158 -4.60 -3.65 -25.37
N THR B 159 -3.80 -3.26 -24.38
CA THR B 159 -3.14 -4.23 -23.52
C THR B 159 -4.15 -5.04 -22.71
N VAL B 160 -3.81 -6.31 -22.47
CA VAL B 160 -4.70 -7.29 -21.84
C VAL B 160 -3.95 -7.92 -20.68
N GLN B 161 -4.60 -7.95 -19.51
CA GLN B 161 -3.99 -8.49 -18.30
C GLN B 161 -4.80 -9.67 -17.78
N ILE B 162 -4.11 -10.71 -17.34
CA ILE B 162 -4.75 -11.92 -16.80
C ILE B 162 -4.04 -12.29 -15.50
N ASN B 163 -4.72 -12.13 -14.37
CA ASN B 163 -4.19 -12.53 -13.07
C ASN B 163 -4.73 -13.89 -12.69
N PHE B 164 -3.84 -14.83 -12.40
CA PHE B 164 -4.23 -16.16 -11.97
C PHE B 164 -4.31 -16.22 -10.46
N PHE B 165 -5.45 -16.70 -9.95
CA PHE B 165 -5.73 -16.63 -8.52
C PHE B 165 -4.84 -17.58 -7.72
N GLN B 166 -4.70 -18.83 -8.18
CA GLN B 166 -4.15 -19.89 -7.33
C GLN B 166 -2.72 -19.57 -6.89
N ASP B 167 -1.86 -19.18 -7.84
CA ASP B 167 -0.45 -18.95 -7.56
C ASP B 167 -0.02 -17.50 -7.74
N HIS B 168 -0.98 -16.58 -7.91
CA HIS B 168 -0.71 -15.14 -7.97
C HIS B 168 0.23 -14.79 -9.12
N THR B 169 0.05 -15.43 -10.27
CA THR B 169 0.77 -15.12 -11.49
C THR B 169 -0.04 -14.15 -12.34
N LYS B 170 0.65 -13.51 -13.28
CA LYS B 170 0.04 -12.49 -14.13
C LYS B 170 0.62 -12.57 -15.53
N LEU B 171 -0.22 -12.24 -16.52
CA LEU B 171 0.20 -12.00 -17.89
C LEU B 171 -0.20 -10.59 -18.28
N ILE B 172 0.67 -9.89 -19.01
CA ILE B 172 0.35 -8.57 -19.56
C ILE B 172 0.73 -8.58 -21.04
N LEU B 173 -0.27 -8.65 -21.91
CA LEU B 173 -0.06 -8.81 -23.34
C LEU B 173 -0.40 -7.51 -24.05
N CYS B 174 0.59 -6.92 -24.72
CA CYS B 174 0.42 -5.68 -25.46
C CYS B 174 0.56 -5.97 -26.94
N PRO B 175 -0.54 -6.03 -27.71
CA PRO B 175 -0.43 -6.42 -29.12
C PRO B 175 0.20 -5.36 -30.00
N LEU B 176 0.25 -4.11 -29.55
CA LEU B 176 0.91 -3.06 -30.34
C LEU B 176 2.39 -3.38 -30.51
N MET B 177 3.07 -3.66 -29.40
CA MET B 177 4.44 -4.15 -29.44
C MET B 177 4.51 -5.64 -29.79
N ALA B 178 3.40 -6.36 -29.61
CA ALA B 178 3.36 -7.82 -29.63
C ALA B 178 4.35 -8.39 -28.61
N ALA B 179 4.11 -8.02 -27.35
CA ALA B 179 4.95 -8.39 -26.23
C ALA B 179 4.11 -9.02 -25.12
N VAL B 180 4.75 -9.88 -24.33
CA VAL B 180 4.14 -10.56 -23.20
C VAL B 180 5.05 -10.38 -22.00
N THR B 181 4.47 -10.00 -20.87
CA THR B 181 5.24 -9.67 -19.68
C THR B 181 4.74 -10.58 -18.55
N TYR B 182 5.52 -11.61 -18.25
CA TYR B 182 5.13 -12.65 -17.31
C TYR B 182 5.72 -12.37 -15.95
N ILE B 183 4.88 -12.44 -14.92
CA ILE B 183 5.29 -12.22 -13.53
C ILE B 183 5.02 -13.51 -12.76
N ASN B 184 6.10 -14.19 -12.32
CA ASN B 184 5.96 -15.50 -11.68
C ASN B 184 5.48 -15.34 -10.24
N GLU B 185 5.47 -16.45 -9.50
CA GLU B 185 4.89 -16.45 -8.15
C GLU B 185 5.78 -15.71 -7.16
N LYS B 186 7.09 -15.70 -7.38
CA LYS B 186 7.99 -15.00 -6.48
C LYS B 186 8.07 -13.50 -6.78
N ARG B 187 7.29 -13.02 -7.75
CA ARG B 187 7.16 -11.62 -8.16
C ARG B 187 8.32 -11.16 -9.05
N ASP B 188 9.02 -12.09 -9.70
CA ASP B 188 10.07 -11.72 -10.66
C ASP B 188 9.48 -11.67 -12.06
N PHE B 189 9.73 -10.57 -12.74
CA PHE B 189 9.10 -10.26 -14.01
C PHE B 189 10.09 -10.41 -15.16
N GLN B 190 9.55 -10.60 -16.35
CA GLN B 190 10.36 -10.68 -17.55
C GLN B 190 9.46 -10.45 -18.76
N THR B 191 9.96 -9.68 -19.73
CA THR B 191 9.20 -9.32 -20.92
C THR B 191 9.81 -10.02 -22.13
N TYR B 192 8.96 -10.67 -22.93
CA TYR B 192 9.41 -11.40 -24.11
C TYR B 192 8.73 -10.86 -25.36
N ARG B 193 9.47 -10.82 -26.46
CA ARG B 193 8.86 -10.59 -27.76
C ARG B 193 8.28 -11.91 -28.27
N LEU B 194 7.00 -11.89 -28.67
CA LEU B 194 6.31 -13.13 -29.02
C LEU B 194 6.87 -13.75 -30.31
N SER B 195 7.30 -12.93 -31.27
CA SER B 195 7.84 -13.48 -32.51
C SER B 195 9.12 -14.27 -32.27
N LEU B 196 9.85 -13.95 -31.21
CA LEU B 196 11.02 -14.70 -30.81
C LEU B 196 10.69 -15.89 -29.93
N LEU B 197 9.49 -15.91 -29.32
CA LEU B 197 9.06 -17.11 -28.62
C LEU B 197 8.69 -18.22 -29.60
N GLU B 198 8.09 -17.85 -30.74
CA GLU B 198 7.79 -18.84 -31.78
C GLU B 198 9.06 -19.47 -32.31
N GLU B 199 10.15 -18.71 -32.37
CA GLU B 199 11.38 -19.16 -33.01
C GLU B 199 12.35 -19.80 -32.04
N TYR B 200 12.33 -19.40 -30.76
CA TYR B 200 13.20 -20.00 -29.77
C TYR B 200 12.49 -20.90 -28.77
N GLY B 201 11.18 -20.77 -28.61
CA GLY B 201 10.47 -21.56 -27.63
C GLY B 201 10.52 -20.92 -26.26
N CYS B 202 9.82 -21.57 -25.32
CA CYS B 202 9.81 -21.09 -23.95
C CYS B 202 9.52 -22.28 -23.04
N CYS B 203 9.86 -22.10 -21.76
CA CYS B 203 9.58 -23.12 -20.77
C CYS B 203 8.08 -23.34 -20.66
N LYS B 204 7.71 -24.59 -20.34
CA LYS B 204 6.31 -24.98 -20.35
C LYS B 204 5.48 -24.22 -19.32
N GLU B 205 6.13 -23.61 -18.32
CA GLU B 205 5.41 -22.75 -17.37
C GLU B 205 4.68 -21.64 -18.13
N LEU B 206 5.44 -20.77 -18.78
CA LEU B 206 4.85 -19.69 -19.56
C LEU B 206 4.12 -20.21 -20.79
N ALA B 207 4.63 -21.28 -21.41
CA ALA B 207 4.01 -21.78 -22.64
C ALA B 207 2.56 -22.15 -22.41
N SER B 208 2.26 -22.76 -21.28
CA SER B 208 0.90 -23.20 -21.00
C SER B 208 -0.06 -22.02 -20.94
N ARG B 209 0.32 -20.97 -20.21
CA ARG B 209 -0.58 -19.85 -20.00
C ARG B 209 -0.90 -19.13 -21.30
N LEU B 210 0.05 -19.08 -22.22
CA LEU B 210 -0.23 -18.48 -23.52
C LEU B 210 -1.34 -19.23 -24.25
N ARG B 211 -1.46 -20.54 -24.02
CA ARG B 211 -2.59 -21.27 -24.58
C ARG B 211 -3.90 -20.86 -23.90
N TYR B 212 -3.87 -20.70 -22.58
CA TYR B 212 -5.07 -20.26 -21.87
C TYR B 212 -5.42 -18.83 -22.20
N ALA B 213 -4.42 -17.97 -22.44
CA ALA B 213 -4.71 -16.59 -22.81
C ALA B 213 -5.37 -16.50 -24.18
N ARG B 214 -5.03 -17.42 -25.09
CA ARG B 214 -5.73 -17.47 -26.38
C ARG B 214 -7.20 -17.81 -26.18
N THR B 215 -7.48 -18.73 -25.25
CA THR B 215 -8.85 -19.10 -24.94
C THR B 215 -9.64 -17.92 -24.34
N MET B 216 -8.98 -17.05 -23.57
CA MET B 216 -9.70 -15.92 -23.00
C MET B 216 -9.88 -14.78 -24.00
N VAL B 217 -8.97 -14.64 -24.96
CA VAL B 217 -9.10 -13.57 -25.93
C VAL B 217 -10.09 -13.95 -27.02
N ASP B 218 -10.19 -15.23 -27.37
CA ASP B 218 -11.23 -15.62 -28.31
C ASP B 218 -12.63 -15.52 -27.69
N LYS B 219 -12.73 -15.34 -26.37
CA LYS B 219 -13.98 -15.06 -25.67
C LYS B 219 -14.27 -13.56 -25.61
N LEU B 220 -13.23 -12.75 -25.37
CA LEU B 220 -13.40 -11.30 -25.45
C LEU B 220 -13.98 -10.89 -26.79
N LEU B 221 -13.54 -11.54 -27.87
CA LEU B 221 -14.06 -11.22 -29.19
C LEU B 221 -15.44 -11.82 -29.43
N SER B 222 -15.85 -12.83 -28.65
CA SER B 222 -17.18 -13.39 -28.82
C SER B 222 -18.26 -12.40 -28.37
N SER B 223 -17.96 -11.58 -27.36
CA SER B 223 -18.87 -10.52 -26.97
C SER B 223 -18.71 -9.28 -27.85
N HIS C 2 -18.38 -9.09 -2.30
CA HIS C 2 -17.31 -8.47 -3.10
C HIS C 2 -16.04 -9.31 -3.07
N TYR C 3 -15.25 -9.22 -4.13
CA TYR C 3 -14.03 -10.00 -4.27
C TYR C 3 -12.85 -9.09 -4.52
N PRO C 4 -11.92 -8.99 -3.58
CA PRO C 4 -10.73 -8.16 -3.78
C PRO C 4 -9.57 -8.96 -4.37
N SER C 5 -8.60 -8.23 -4.91
CA SER C 5 -7.33 -8.81 -5.35
C SER C 5 -6.42 -8.92 -4.13
N THR C 7 -4.15 -9.25 -0.94
CA THR C 7 -4.02 -8.33 0.20
C THR C 7 -2.61 -7.86 0.44
N ALA C 8 -2.48 -6.68 1.08
CA ALA C 8 -1.17 -6.22 1.51
C ALA C 8 -0.56 -7.16 2.55
N LEU C 9 -1.42 -7.84 3.30
CA LEU C 9 -1.03 -8.81 4.32
C LEU C 9 -0.19 -9.96 3.73
N HIS D 2 6.31 22.58 6.16
CA HIS D 2 5.69 21.36 6.67
C HIS D 2 6.37 20.12 6.08
N TYR D 3 6.42 19.05 6.84
CA TYR D 3 7.17 17.85 6.46
C TYR D 3 6.27 16.62 6.57
N PRO D 4 5.89 16.00 5.45
CA PRO D 4 5.07 14.79 5.52
C PRO D 4 5.90 13.51 5.53
N SER D 5 5.32 12.46 6.11
CA SER D 5 5.96 11.15 6.06
C SER D 5 5.95 10.59 4.62
N THR D 7 5.65 9.32 1.02
CA THR D 7 4.61 9.50 0.00
C THR D 7 4.35 8.17 -0.69
N ALA D 8 3.09 7.86 -0.96
CA ALA D 8 2.73 6.74 -1.85
C ALA D 8 3.59 6.67 -3.11
N LEU D 9 4.68 5.91 -3.01
CA LEU D 9 5.65 5.57 -4.05
C LEU D 9 6.84 4.86 -3.40
#